data_8HRU
#
_entry.id   8HRU
#
_cell.length_a   1.00
_cell.length_b   1.00
_cell.length_c   1.00
_cell.angle_alpha   90.00
_cell.angle_beta   90.00
_cell.angle_gamma   90.00
#
_symmetry.space_group_name_H-M   'P 1'
#
_entity_poly.entity_id   1
_entity_poly.type   'polypeptide(L)'
_entity_poly.pdbx_seq_one_letter_code
;MHSSALLCCLVLLTGVRAQSTIEEQAKTFLDKFNHEAEDLFYQSSLASWNYNTNITEENVQNMNNAGDKWSAFLKEQSTL
AQMYPLQEIQNLTVKLQLQALQQNGSSVLSEDKSKRLNTILNTMSTIYSTGKVCNPDNPQECLLLEPGLNEIMANSLDYN
ERLWAWESWRSEVGKQLRPLYEEYVVLKNEMARANHYEDYGDYWRGDYEVNGVDGYDYSRGQLIEDVEHTFEEIKPLYEH
LHAYVRAKLMNAYPSYISPIGCLPAHLLGDMWGRFWTNLYSLTVPFGQKPNIDVTDAMVDQAWDAQRIFKEAEKFFVSVG
LPNMTQGFWENSMLTDPGNVQKAVCHPTAWDLGKGDFRILMCTKVTMDDFLTAHHEMGHIQYDMAYAAQPFLLRNGANEG
FHEAVGEIMSLSAATPKHLKSIGLLSPDFQEDNETEINFLLKQALTIVGTLPFTYMLEKWRWMVFKGEIPKDQWMKKWWE
MKREIVGVVEPVPHDETYCDPASLFHVSNDYSFIRYYTRTLYQFQFQEALCQAAKHEGPLHKCDISNSTEAGQKLFNMLR
LGKSEPWTLALENVVGAKNMNVRPLLNYFEPLFTWLKDQNKNSFVGWSTDWSPYADHHHHHHHHH
;
_entity_poly.pdbx_strand_id   A
#
# COMPACT_ATOMS: atom_id res chain seq x y z
N SER A 20 13.30 37.62 20.74
CA SER A 20 14.75 37.52 20.71
C SER A 20 15.23 36.19 21.27
N THR A 21 14.35 35.18 21.26
CA THR A 21 14.67 33.89 21.85
C THR A 21 14.51 32.78 20.82
N ILE A 22 14.90 31.57 21.23
CA ILE A 22 14.99 30.42 20.34
C ILE A 22 13.64 30.11 19.70
N GLU A 23 12.55 30.20 20.46
CA GLU A 23 11.24 29.82 19.93
C GLU A 23 10.73 30.80 18.88
N GLU A 24 11.04 32.10 19.00
CA GLU A 24 10.63 33.06 17.98
C GLU A 24 11.56 33.01 16.78
N GLN A 25 12.86 32.82 17.01
CA GLN A 25 13.79 32.65 15.90
C GLN A 25 13.47 31.40 15.08
N ALA A 26 13.08 30.31 15.72
CA ALA A 26 12.64 29.13 14.99
C ALA A 26 11.40 29.42 14.15
N LYS A 27 10.45 30.19 14.68
CA LYS A 27 9.26 30.52 13.92
C LYS A 27 9.57 31.36 12.69
N THR A 28 10.41 32.39 12.83
CA THR A 28 10.75 33.19 11.65
C THR A 28 11.55 32.38 10.64
N PHE A 29 12.44 31.51 11.13
CA PHE A 29 13.18 30.64 10.21
C PHE A 29 12.23 29.71 9.46
N LEU A 30 11.25 29.13 10.16
CA LEU A 30 10.25 28.30 9.51
C LEU A 30 9.41 29.09 8.51
N ASP A 31 9.12 30.35 8.82
CA ASP A 31 8.39 31.19 7.87
C ASP A 31 9.20 31.37 6.59
N LYS A 32 10.48 31.75 6.71
CA LYS A 32 11.32 31.88 5.53
C LYS A 32 11.46 30.55 4.78
N PHE A 33 11.52 29.44 5.51
CA PHE A 33 11.64 28.13 4.88
C PHE A 33 10.40 27.77 4.08
N ASN A 34 9.22 27.89 4.72
CA ASN A 34 7.98 27.51 4.07
C ASN A 34 7.63 28.44 2.91
N HIS A 35 7.95 29.72 3.01
CA HIS A 35 7.73 30.65 1.91
C HIS A 35 8.75 30.47 0.79
N GLU A 36 9.69 29.55 0.97
CA GLU A 36 10.71 29.26 -0.02
C GLU A 36 10.61 27.81 -0.45
N ALA A 37 10.09 26.95 0.43
CA ALA A 37 9.93 25.55 0.07
C ALA A 37 8.72 25.34 -0.85
N GLU A 38 7.64 26.08 -0.61
CA GLU A 38 6.40 25.87 -1.35
C GLU A 38 6.59 26.11 -2.84
N ASP A 39 7.15 27.25 -3.22
CA ASP A 39 7.27 27.63 -4.62
C ASP A 39 8.27 26.79 -5.41
N LEU A 40 9.39 26.37 -4.83
CA LEU A 40 10.24 25.40 -5.51
C LEU A 40 9.66 23.99 -5.53
N PHE A 41 8.87 23.59 -4.52
CA PHE A 41 8.21 22.30 -4.62
C PHE A 41 7.23 22.27 -5.79
N TYR A 42 6.49 23.36 -6.01
CA TYR A 42 5.61 23.46 -7.16
C TYR A 42 6.39 23.30 -8.46
N GLN A 43 7.52 24.02 -8.57
CA GLN A 43 8.35 23.96 -9.76
C GLN A 43 8.94 22.57 -10.00
N SER A 44 9.32 21.87 -8.93
CA SER A 44 9.88 20.53 -9.05
C SER A 44 8.83 19.48 -9.37
N SER A 45 7.61 19.62 -8.84
CA SER A 45 6.55 18.66 -9.13
C SER A 45 5.91 18.89 -10.50
N LEU A 46 5.90 20.13 -10.98
CA LEU A 46 5.38 20.39 -12.31
C LEU A 46 6.19 19.67 -13.38
N ALA A 47 7.52 19.68 -13.26
CA ALA A 47 8.36 18.95 -14.19
C ALA A 47 8.11 17.46 -14.14
N SER A 48 7.95 16.90 -12.94
CA SER A 48 7.60 15.49 -12.81
C SER A 48 6.28 15.16 -13.49
N TRP A 49 5.24 15.95 -13.25
CA TRP A 49 3.95 15.71 -13.92
C TRP A 49 4.08 15.82 -15.42
N ASN A 50 4.82 16.83 -15.91
CA ASN A 50 5.03 16.98 -17.33
C ASN A 50 5.80 15.80 -17.92
N TYR A 51 6.68 15.16 -17.14
CA TYR A 51 7.37 13.98 -17.63
C TYR A 51 6.44 12.77 -17.66
N ASN A 52 5.62 12.58 -16.63
CA ASN A 52 4.69 11.45 -16.68
C ASN A 52 3.71 11.60 -17.83
N THR A 53 3.21 12.81 -18.07
CA THR A 53 2.36 13.04 -19.22
C THR A 53 3.12 12.90 -20.54
N ASN A 54 4.34 13.40 -20.59
CA ASN A 54 5.16 13.40 -21.80
C ASN A 54 6.49 12.73 -21.48
N ILE A 55 6.59 11.44 -21.78
CA ILE A 55 7.84 10.69 -21.57
C ILE A 55 8.77 11.10 -22.72
N THR A 56 9.66 12.05 -22.45
CA THR A 56 10.53 12.60 -23.49
C THR A 56 11.91 12.85 -22.91
N GLU A 57 12.92 12.78 -23.80
CA GLU A 57 14.30 13.07 -23.40
C GLU A 57 14.46 14.50 -22.91
N GLU A 58 13.79 15.47 -23.53
CA GLU A 58 13.85 16.84 -23.05
C GLU A 58 13.28 16.97 -21.64
N ASN A 59 12.30 16.14 -21.30
CA ASN A 59 11.68 16.19 -19.98
C ASN A 59 12.41 15.37 -18.93
N VAL A 60 13.10 14.30 -19.32
CA VAL A 60 13.78 13.47 -18.34
C VAL A 60 14.91 14.23 -17.64
N GLN A 61 15.45 15.26 -18.28
CA GLN A 61 16.47 16.10 -17.65
C GLN A 61 15.87 17.25 -16.86
N ASN A 62 14.71 17.75 -17.28
CA ASN A 62 14.08 18.87 -16.59
C ASN A 62 13.69 18.49 -15.16
N MET A 63 13.01 17.36 -14.98
CA MET A 63 12.67 16.95 -13.63
C MET A 63 13.92 16.64 -12.82
N ASN A 64 14.98 16.16 -13.47
CA ASN A 64 16.23 15.92 -12.77
C ASN A 64 16.85 17.21 -12.23
N ASN A 65 16.95 18.24 -13.07
CA ASN A 65 17.43 19.54 -12.59
C ASN A 65 16.55 20.05 -11.45
N ALA A 66 15.23 20.01 -11.63
CA ALA A 66 14.31 20.50 -10.62
C ALA A 66 14.42 19.73 -9.30
N GLY A 67 14.47 18.40 -9.36
CA GLY A 67 14.60 17.58 -8.17
C GLY A 67 15.92 17.74 -7.46
N ASP A 68 17.02 17.87 -8.20
CA ASP A 68 18.29 18.16 -7.55
C ASP A 68 18.33 19.55 -6.93
N LYS A 69 17.66 20.53 -7.53
CA LYS A 69 17.56 21.84 -6.87
C LYS A 69 16.87 21.73 -5.53
N TRP A 70 15.73 21.04 -5.47
CA TRP A 70 15.01 20.86 -4.22
C TRP A 70 15.74 19.95 -3.24
N SER A 71 16.50 18.98 -3.75
CA SER A 71 17.35 18.16 -2.89
C SER A 71 18.43 18.99 -2.23
N ALA A 72 19.09 19.87 -2.99
CA ALA A 72 20.03 20.81 -2.39
C ALA A 72 19.36 21.77 -1.42
N PHE A 73 18.15 22.23 -1.74
CA PHE A 73 17.42 23.12 -0.85
C PHE A 73 17.14 22.45 0.50
N LEU A 74 16.63 21.22 0.48
CA LEU A 74 16.33 20.57 1.75
C LEU A 74 17.58 20.30 2.56
N LYS A 75 18.69 19.92 1.93
CA LYS A 75 19.95 19.76 2.62
C LYS A 75 20.46 21.06 3.24
N GLU A 76 20.44 22.17 2.50
CA GLU A 76 20.93 23.42 3.08
C GLU A 76 20.03 23.90 4.21
N GLN A 77 18.71 23.76 4.07
CA GLN A 77 17.84 24.14 5.19
C GLN A 77 18.00 23.22 6.38
N SER A 78 18.23 21.92 6.16
CA SER A 78 18.56 21.03 7.26
C SER A 78 19.84 21.43 7.97
N THR A 79 20.84 21.88 7.22
CA THR A 79 22.08 22.37 7.84
C THR A 79 21.88 23.65 8.63
N LEU A 80 21.15 24.62 8.10
CA LEU A 80 20.92 25.86 8.84
C LEU A 80 19.91 25.69 9.98
N ALA A 81 19.15 24.60 9.98
CA ALA A 81 18.27 24.35 11.13
C ALA A 81 18.97 23.60 12.24
N GLN A 82 20.21 23.14 12.02
CA GLN A 82 20.87 22.26 12.96
C GLN A 82 21.54 22.99 14.13
N MET A 83 21.53 24.33 14.13
CA MET A 83 21.98 25.07 15.30
C MET A 83 20.85 25.39 16.28
N TYR A 84 19.67 24.82 16.06
CA TYR A 84 18.51 25.14 16.89
C TYR A 84 18.15 23.92 17.73
N PRO A 85 18.46 23.90 19.02
CA PRO A 85 18.19 22.70 19.83
C PRO A 85 16.70 22.47 20.02
N LEU A 86 16.33 21.20 20.17
CA LEU A 86 14.95 20.81 20.39
C LEU A 86 14.55 20.83 21.86
N GLN A 87 15.51 20.92 22.78
CA GLN A 87 15.18 20.86 24.19
C GLN A 87 14.62 22.16 24.74
N GLU A 88 14.99 23.30 24.15
CA GLU A 88 14.58 24.61 24.65
C GLU A 88 13.47 25.24 23.85
N ILE A 89 12.84 24.51 22.93
CA ILE A 89 11.64 24.97 22.24
C ILE A 89 10.44 24.21 22.80
N GLN A 90 9.38 24.94 23.14
CA GLN A 90 8.23 24.36 23.80
C GLN A 90 7.04 24.13 22.87
N ASN A 91 6.83 24.99 21.88
CA ASN A 91 5.67 24.89 21.02
C ASN A 91 5.72 23.60 20.23
N LEU A 92 4.77 22.70 20.51
CA LEU A 92 4.78 21.38 19.88
C LEU A 92 4.62 21.45 18.37
N THR A 93 3.94 22.48 17.85
CA THR A 93 3.87 22.66 16.40
C THR A 93 5.27 22.89 15.82
N VAL A 94 6.01 23.85 16.37
CA VAL A 94 7.35 24.12 15.89
C VAL A 94 8.23 22.90 16.08
N LYS A 95 8.06 22.17 17.18
CA LYS A 95 8.82 20.95 17.38
C LYS A 95 8.51 19.90 16.32
N LEU A 96 7.25 19.76 15.94
CA LEU A 96 6.88 18.84 14.87
C LEU A 96 7.51 19.23 13.54
N GLN A 97 7.50 20.52 13.21
CA GLN A 97 8.25 20.95 12.03
C GLN A 97 9.74 20.66 12.14
N LEU A 98 10.34 20.91 13.30
CA LEU A 98 11.78 20.80 13.43
C LEU A 98 12.27 19.36 13.44
N GLN A 99 11.52 18.43 14.02
CA GLN A 99 12.03 17.06 14.19
C GLN A 99 12.19 16.35 12.85
N ALA A 100 11.35 16.65 11.86
CA ALA A 100 11.47 16.01 10.55
C ALA A 100 12.40 16.76 9.62
N LEU A 101 12.76 18.01 9.95
CA LEU A 101 13.69 18.78 9.16
C LEU A 101 15.12 18.67 9.67
N GLN A 102 15.30 18.38 10.96
CA GLN A 102 16.61 18.19 11.57
C GLN A 102 17.30 16.92 11.10
N GLN A 103 16.56 16.02 10.44
CA GLN A 103 17.07 14.69 10.12
C GLN A 103 18.23 14.79 9.13
N ASN A 104 19.42 14.36 9.56
CA ASN A 104 20.57 14.39 8.67
C ASN A 104 20.45 13.36 7.57
N GLY A 105 19.93 12.18 7.89
CA GLY A 105 19.76 11.12 6.90
C GLY A 105 21.07 10.70 6.28
N SER A 106 21.24 10.97 4.99
CA SER A 106 22.43 10.60 4.25
C SER A 106 23.61 11.54 4.50
N SER A 107 23.38 12.64 5.22
CA SER A 107 24.43 13.62 5.45
C SER A 107 25.53 13.12 6.39
N VAL A 108 25.26 12.10 7.20
CA VAL A 108 26.23 11.65 8.19
C VAL A 108 27.31 10.74 7.61
N LEU A 109 27.10 10.21 6.40
CA LEU A 109 28.07 9.29 5.83
C LEU A 109 29.09 10.03 4.97
N SER A 110 30.16 9.32 4.63
CA SER A 110 31.26 9.90 3.86
C SER A 110 30.83 10.07 2.40
N GLU A 111 31.61 10.83 1.63
CA GLU A 111 31.31 11.02 0.21
C GLU A 111 31.40 9.71 -0.57
N ASP A 112 32.41 8.88 -0.29
CA ASP A 112 32.52 7.61 -1.00
C ASP A 112 31.37 6.68 -0.66
N LYS A 113 30.95 6.68 0.60
CA LYS A 113 29.81 5.84 1.00
C LYS A 113 28.51 6.34 0.39
N SER A 114 28.33 7.66 0.31
CA SER A 114 27.17 8.21 -0.36
C SER A 114 27.15 7.84 -1.84
N LYS A 115 28.31 7.94 -2.50
CA LYS A 115 28.42 7.50 -3.88
C LYS A 115 28.07 6.03 -4.03
N ARG A 116 28.62 5.17 -3.17
CA ARG A 116 28.30 3.76 -3.26
C ARG A 116 26.81 3.50 -3.07
N LEU A 117 26.19 4.18 -2.10
CA LEU A 117 24.77 3.94 -1.85
C LEU A 117 23.93 4.40 -3.03
N ASN A 118 24.28 5.53 -3.67
CA ASN A 118 23.42 5.97 -4.76
C ASN A 118 23.63 5.13 -6.02
N THR A 119 24.85 4.68 -6.29
CA THR A 119 25.01 3.73 -7.39
C THR A 119 24.27 2.42 -7.12
N ILE A 120 24.30 1.95 -5.87
CA ILE A 120 23.54 0.76 -5.53
C ILE A 120 22.04 1.01 -5.72
N LEU A 121 21.60 2.22 -5.39
CA LEU A 121 20.20 2.59 -5.57
C LEU A 121 19.78 2.52 -7.03
N ASN A 122 20.50 3.19 -7.91
CA ASN A 122 20.14 3.17 -9.33
C ASN A 122 20.57 1.89 -10.04
N THR A 123 21.28 0.99 -9.37
CA THR A 123 21.49 -0.36 -9.88
C THR A 123 20.36 -1.31 -9.51
N MET A 124 19.88 -1.23 -8.27
CA MET A 124 18.76 -2.05 -7.84
C MET A 124 17.55 -1.85 -8.75
N SER A 125 17.14 -0.61 -8.95
CA SER A 125 16.02 -0.32 -9.82
C SER A 125 16.29 -0.73 -11.27
N THR A 126 17.49 -0.49 -11.78
CA THR A 126 17.80 -0.83 -13.16
C THR A 126 17.68 -2.33 -13.42
N ILE A 127 18.31 -3.14 -12.56
CA ILE A 127 18.28 -4.59 -12.79
C ILE A 127 16.86 -5.13 -12.69
N TYR A 128 16.08 -4.65 -11.73
CA TYR A 128 14.72 -5.15 -11.57
C TYR A 128 13.83 -4.72 -12.73
N SER A 129 13.94 -3.44 -13.13
CA SER A 129 13.09 -2.94 -14.21
C SER A 129 13.43 -3.58 -15.55
N THR A 130 14.72 -3.79 -15.83
CA THR A 130 15.15 -4.36 -17.11
C THR A 130 15.53 -5.83 -16.97
N GLY A 131 14.80 -6.57 -16.15
CA GLY A 131 15.01 -8.00 -16.03
C GLY A 131 14.24 -8.76 -17.08
N LYS A 132 14.94 -9.49 -17.94
CA LYS A 132 14.33 -10.20 -19.05
C LYS A 132 14.39 -11.71 -18.84
N VAL A 133 13.30 -12.39 -19.17
CA VAL A 133 13.20 -13.83 -19.08
C VAL A 133 13.15 -14.40 -20.50
N CYS A 134 13.88 -15.49 -20.73
CA CYS A 134 13.92 -16.15 -22.02
C CYS A 134 14.28 -17.61 -21.85
N ASN A 135 13.89 -18.41 -22.85
CA ASN A 135 14.26 -19.82 -22.88
C ASN A 135 15.34 -20.03 -23.94
N PRO A 136 16.56 -20.40 -23.56
CA PRO A 136 17.61 -20.66 -24.56
C PRO A 136 17.30 -21.82 -25.49
N ASP A 137 16.43 -22.74 -25.08
CA ASP A 137 16.06 -23.87 -25.92
C ASP A 137 14.85 -23.60 -26.80
N ASN A 138 13.93 -22.75 -26.37
CA ASN A 138 12.76 -22.40 -27.15
C ASN A 138 12.66 -20.89 -27.32
N PRO A 139 12.84 -20.37 -28.54
CA PRO A 139 12.77 -18.92 -28.74
C PRO A 139 11.42 -18.31 -28.41
N GLN A 140 10.33 -19.06 -28.56
CA GLN A 140 9.00 -18.51 -28.31
C GLN A 140 8.77 -18.19 -26.83
N GLU A 141 9.55 -18.80 -25.93
CA GLU A 141 9.41 -18.53 -24.50
C GLU A 141 10.28 -17.32 -24.13
N CYS A 142 9.86 -16.17 -24.63
CA CYS A 142 10.45 -14.88 -24.31
C CYS A 142 9.34 -13.85 -24.20
N LEU A 143 9.21 -13.22 -23.04
CA LEU A 143 8.12 -12.28 -22.83
C LEU A 143 8.54 -11.22 -21.81
N LEU A 144 7.84 -10.09 -21.87
CA LEU A 144 8.12 -8.94 -21.02
C LEU A 144 7.41 -9.13 -19.67
N LEU A 145 7.33 -8.08 -18.86
CA LEU A 145 6.68 -8.17 -17.56
C LEU A 145 5.23 -7.71 -17.62
N GLU A 146 5.01 -6.46 -18.01
CA GLU A 146 3.67 -5.89 -18.09
C GLU A 146 3.38 -5.45 -19.51
N PRO A 147 2.40 -6.04 -20.20
CA PRO A 147 1.47 -7.07 -19.74
C PRO A 147 1.98 -8.48 -20.02
N GLY A 148 3.25 -8.75 -19.72
CA GLY A 148 3.89 -10.00 -20.06
C GLY A 148 3.99 -11.00 -18.94
N LEU A 149 5.14 -11.02 -18.25
CA LEU A 149 5.45 -12.07 -17.29
C LEU A 149 4.37 -12.25 -16.23
N ASN A 150 3.74 -11.16 -15.78
CA ASN A 150 2.66 -11.31 -14.81
C ASN A 150 1.44 -12.00 -15.40
N GLU A 151 1.21 -11.84 -16.71
CA GLU A 151 0.04 -12.44 -17.35
C GLU A 151 0.06 -13.95 -17.26
N ILE A 152 1.21 -14.58 -17.52
CA ILE A 152 1.28 -16.04 -17.42
C ILE A 152 1.18 -16.49 -15.97
N MET A 153 1.74 -15.72 -15.03
CA MET A 153 1.42 -15.83 -13.61
C MET A 153 0.02 -15.36 -13.25
N ALA A 154 -0.73 -14.77 -14.17
CA ALA A 154 -2.07 -14.32 -13.87
C ALA A 154 -3.13 -15.34 -14.23
N ASN A 155 -3.15 -15.81 -15.47
CA ASN A 155 -4.23 -16.64 -15.98
C ASN A 155 -3.72 -17.95 -16.58
N SER A 156 -2.88 -18.66 -15.84
CA SER A 156 -2.43 -19.99 -16.24
C SER A 156 -2.94 -21.02 -15.24
N LEU A 157 -3.37 -22.17 -15.78
CA LEU A 157 -3.91 -23.25 -14.96
C LEU A 157 -3.00 -24.47 -14.91
N ASP A 158 -1.79 -24.36 -15.46
CA ASP A 158 -0.83 -25.46 -15.44
C ASP A 158 0.24 -25.16 -14.40
N TYR A 159 0.77 -26.24 -13.81
CA TYR A 159 1.72 -26.14 -12.71
C TYR A 159 3.10 -25.68 -13.21
N ASN A 160 3.66 -26.39 -14.20
CA ASN A 160 4.95 -26.03 -14.73
C ASN A 160 4.95 -24.71 -15.49
N GLU A 161 3.79 -24.32 -16.06
CA GLU A 161 3.69 -23.01 -16.70
C GLU A 161 4.02 -21.88 -15.75
N ARG A 162 3.47 -21.91 -14.54
CA ARG A 162 3.81 -20.93 -13.52
C ARG A 162 5.17 -21.21 -12.90
N LEU A 163 5.55 -22.48 -12.79
CA LEU A 163 6.82 -22.86 -12.19
C LEU A 163 8.01 -22.28 -12.94
N TRP A 164 8.00 -22.38 -14.27
CA TRP A 164 9.15 -21.91 -15.05
C TRP A 164 9.42 -20.44 -14.79
N ALA A 165 8.41 -19.59 -14.92
CA ALA A 165 8.62 -18.17 -14.71
C ALA A 165 8.57 -17.78 -13.24
N TRP A 166 8.35 -18.73 -12.34
CA TRP A 166 8.59 -18.49 -10.92
C TRP A 166 10.04 -18.69 -10.53
N GLU A 167 10.60 -19.87 -10.80
CA GLU A 167 12.00 -20.09 -10.44
C GLU A 167 12.94 -19.31 -11.35
N SER A 168 12.64 -19.23 -12.64
CA SER A 168 13.49 -18.54 -13.59
C SER A 168 13.42 -17.02 -13.45
N TRP A 169 12.34 -16.49 -12.84
CA TRP A 169 12.28 -15.06 -12.60
C TRP A 169 13.41 -14.63 -11.69
N ARG A 170 13.65 -15.40 -10.63
CA ARG A 170 14.74 -15.15 -9.70
C ARG A 170 16.05 -15.75 -10.17
N SER A 171 16.09 -16.33 -11.37
CA SER A 171 17.34 -16.81 -11.94
C SER A 171 18.21 -15.70 -12.51
N GLU A 172 17.61 -14.68 -13.12
CA GLU A 172 18.37 -13.61 -13.74
C GLU A 172 18.32 -12.30 -12.95
N VAL A 173 17.38 -12.16 -12.03
CA VAL A 173 17.40 -10.98 -11.16
C VAL A 173 17.57 -11.40 -9.70
N GLY A 174 17.12 -12.60 -9.34
CA GLY A 174 17.23 -13.05 -7.98
C GLY A 174 18.60 -13.53 -7.57
N LYS A 175 19.59 -13.44 -8.46
CA LYS A 175 20.97 -13.73 -8.13
C LYS A 175 21.85 -12.49 -8.10
N GLN A 176 21.57 -11.49 -8.92
CA GLN A 176 22.43 -10.34 -9.12
C GLN A 176 22.16 -9.21 -8.14
N LEU A 177 21.29 -9.41 -7.17
CA LEU A 177 21.04 -8.42 -6.14
C LEU A 177 21.43 -8.88 -4.75
N ARG A 178 21.82 -10.15 -4.59
CA ARG A 178 22.22 -10.66 -3.28
C ARG A 178 23.43 -9.92 -2.72
N PRO A 179 24.54 -9.78 -3.46
CA PRO A 179 25.69 -9.07 -2.87
C PRO A 179 25.48 -7.57 -2.77
N LEU A 180 24.78 -6.97 -3.74
CA LEU A 180 24.48 -5.55 -3.65
C LEU A 180 23.60 -5.25 -2.45
N TYR A 181 22.63 -6.12 -2.15
CA TYR A 181 21.82 -5.95 -0.96
C TYR A 181 22.58 -6.30 0.31
N GLU A 182 23.53 -7.22 0.24
CA GLU A 182 24.40 -7.47 1.38
C GLU A 182 25.20 -6.22 1.75
N GLU A 183 25.72 -5.52 0.74
CA GLU A 183 26.38 -4.24 0.97
C GLU A 183 25.38 -3.17 1.42
N TYR A 184 24.16 -3.20 0.88
CA TYR A 184 23.11 -2.28 1.31
C TYR A 184 22.80 -2.40 2.80
N VAL A 185 22.69 -3.62 3.31
CA VAL A 185 22.39 -3.81 4.72
C VAL A 185 23.44 -3.14 5.59
N VAL A 186 24.71 -3.41 5.30
CA VAL A 186 25.77 -2.85 6.14
C VAL A 186 25.91 -1.35 5.98
N LEU A 187 25.70 -0.78 4.78
CA LEU A 187 25.85 0.67 4.71
C LEU A 187 24.65 1.38 5.34
N LYS A 188 23.45 0.79 5.25
CA LYS A 188 22.30 1.41 5.92
C LYS A 188 22.33 1.23 7.42
N ASN A 189 23.02 0.20 7.94
CA ASN A 189 23.22 0.12 9.37
C ASN A 189 23.93 1.36 9.89
N GLU A 190 24.96 1.82 9.18
CA GLU A 190 25.64 3.07 9.54
C GLU A 190 24.83 4.29 9.13
N MET A 191 23.99 4.18 8.09
CA MET A 191 23.00 5.21 7.79
C MET A 191 22.18 5.55 9.02
N ALA A 192 21.75 4.53 9.76
CA ALA A 192 20.86 4.74 10.89
C ALA A 192 21.57 4.94 12.21
N ARG A 193 22.63 4.18 12.50
CA ARG A 193 23.28 4.26 13.80
C ARG A 193 23.91 5.64 14.04
N ALA A 194 24.51 6.22 13.01
CA ALA A 194 25.08 7.56 13.11
C ALA A 194 24.04 8.62 13.34
N ASN A 195 22.76 8.33 13.07
CA ASN A 195 21.67 9.27 13.30
C ASN A 195 20.97 9.04 14.64
N HIS A 196 21.63 8.34 15.56
CA HIS A 196 21.10 8.05 16.90
C HIS A 196 19.90 7.11 16.83
N TYR A 197 20.02 6.04 16.05
CA TYR A 197 19.04 4.96 16.06
C TYR A 197 19.75 3.64 16.36
N GLU A 198 18.97 2.66 16.78
CA GLU A 198 19.49 1.31 16.95
C GLU A 198 19.84 0.69 15.60
N ASP A 199 18.85 0.61 14.72
CA ASP A 199 19.03 0.06 13.38
C ASP A 199 18.22 0.88 12.38
N TYR A 200 18.34 0.58 11.09
CA TYR A 200 17.48 1.22 10.11
C TYR A 200 16.05 0.70 10.18
N GLY A 201 15.85 -0.51 10.70
CA GLY A 201 14.50 -0.92 11.07
C GLY A 201 13.91 -0.01 12.13
N ASP A 202 14.75 0.49 13.04
CA ASP A 202 14.34 1.50 14.01
C ASP A 202 14.16 2.87 13.39
N TYR A 203 14.83 3.17 12.28
CA TYR A 203 14.59 4.43 11.58
C TYR A 203 13.26 4.40 10.83
N TRP A 204 12.95 3.27 10.18
CA TRP A 204 11.71 3.15 9.43
C TRP A 204 10.48 3.17 10.33
N ARG A 205 10.57 2.60 11.52
CA ARG A 205 9.48 2.65 12.48
C ARG A 205 9.42 3.98 13.23
N GLY A 206 10.13 4.99 12.76
CA GLY A 206 10.16 6.28 13.42
C GLY A 206 9.00 7.20 13.14
N ASP A 207 8.24 6.96 12.06
CA ASP A 207 7.07 7.79 11.79
C ASP A 207 6.00 7.61 12.86
N TYR A 208 5.77 6.39 13.30
CA TYR A 208 4.75 6.10 14.29
C TYR A 208 5.17 6.51 15.70
N GLU A 209 6.43 6.91 15.89
CA GLU A 209 6.93 7.33 17.18
C GLU A 209 6.30 8.65 17.58
N VAL A 210 5.76 8.70 18.80
CA VAL A 210 5.19 9.92 19.34
C VAL A 210 5.82 10.15 20.71
N ASN A 211 6.40 11.33 20.90
CA ASN A 211 7.04 11.69 22.15
C ASN A 211 6.66 13.11 22.54
N GLY A 212 6.62 13.36 23.85
CA GLY A 212 6.26 14.65 24.38
C GLY A 212 4.77 14.86 24.59
N VAL A 213 3.94 13.92 24.15
CA VAL A 213 2.50 14.00 24.33
C VAL A 213 2.11 13.08 25.47
N ASP A 214 1.80 13.66 26.62
CA ASP A 214 1.51 12.89 27.81
C ASP A 214 0.28 12.00 27.59
N GLY A 215 0.42 10.71 27.92
CA GLY A 215 -0.62 9.75 27.70
C GLY A 215 -0.72 9.22 26.28
N TYR A 216 -0.29 10.01 25.29
CA TYR A 216 -0.34 9.61 23.90
C TYR A 216 1.04 9.24 23.36
N ASP A 217 2.06 9.27 24.22
CA ASP A 217 3.43 9.05 23.79
C ASP A 217 3.60 7.61 23.28
N TYR A 218 4.07 7.48 22.03
CA TYR A 218 4.25 6.18 21.40
C TYR A 218 5.73 5.99 21.09
N SER A 219 6.28 4.85 21.51
CA SER A 219 7.68 4.55 21.27
C SER A 219 7.84 3.60 20.09
N ARG A 220 9.03 3.64 19.49
CA ARG A 220 9.29 2.82 18.31
C ARG A 220 9.31 1.33 18.66
N GLY A 221 9.61 0.98 19.91
CA GLY A 221 9.60 -0.41 20.32
C GLY A 221 8.23 -1.00 20.55
N GLN A 222 7.22 -0.16 20.76
CA GLN A 222 5.86 -0.62 20.96
C GLN A 222 5.16 -1.01 19.66
N LEU A 223 5.70 -0.60 18.51
CA LEU A 223 5.08 -0.96 17.25
C LEU A 223 5.03 -2.47 17.04
N ILE A 224 6.13 -3.16 17.33
CA ILE A 224 6.14 -4.62 17.22
C ILE A 224 5.19 -5.23 18.24
N GLU A 225 5.22 -4.72 19.47
CA GLU A 225 4.35 -5.22 20.53
C GLU A 225 2.88 -5.12 20.14
N ASP A 226 2.49 -4.09 19.41
CA ASP A 226 1.12 -3.96 18.95
C ASP A 226 0.83 -4.76 17.69
N VAL A 227 1.78 -4.82 16.76
CA VAL A 227 1.54 -5.50 15.50
C VAL A 227 1.43 -7.01 15.71
N GLU A 228 2.37 -7.59 16.45
CA GLU A 228 2.33 -9.02 16.72
C GLU A 228 1.18 -9.41 17.64
N HIS A 229 0.61 -8.46 18.38
CA HIS A 229 -0.60 -8.73 19.14
C HIS A 229 -1.85 -8.65 18.29
N THR A 230 -1.94 -7.66 17.40
CA THR A 230 -3.07 -7.58 16.48
C THR A 230 -3.13 -8.77 15.55
N PHE A 231 -1.98 -9.26 15.07
CA PHE A 231 -1.98 -10.46 14.26
C PHE A 231 -2.48 -11.68 15.02
N GLU A 232 -2.38 -11.67 16.35
CA GLU A 232 -2.84 -12.77 17.17
C GLU A 232 -4.36 -12.93 17.16
N GLU A 233 -5.11 -11.91 16.73
CA GLU A 233 -6.54 -12.06 16.50
C GLU A 233 -6.89 -12.19 15.02
N ILE A 234 -5.96 -11.87 14.12
CA ILE A 234 -6.18 -12.07 12.70
C ILE A 234 -5.88 -13.51 12.28
N LYS A 235 -5.00 -14.20 13.01
CA LYS A 235 -4.61 -15.57 12.67
C LYS A 235 -5.81 -16.51 12.52
N PRO A 236 -6.85 -16.45 13.36
CA PRO A 236 -7.98 -17.36 13.13
C PRO A 236 -8.61 -17.21 11.75
N LEU A 237 -9.10 -16.02 11.40
CA LEU A 237 -9.75 -15.85 10.11
C LEU A 237 -8.86 -16.33 8.98
N TYR A 238 -7.57 -15.97 9.01
CA TYR A 238 -6.65 -16.38 7.95
C TYR A 238 -6.47 -17.90 7.90
N GLU A 239 -6.48 -18.59 9.05
CA GLU A 239 -6.27 -20.02 8.94
C GLU A 239 -7.47 -20.73 8.32
N HIS A 240 -8.70 -20.27 8.57
CA HIS A 240 -9.81 -20.80 7.78
C HIS A 240 -9.75 -20.38 6.31
N LEU A 241 -9.30 -19.17 5.99
CA LEU A 241 -9.12 -18.82 4.58
C LEU A 241 -8.15 -19.78 3.90
N HIS A 242 -7.00 -20.02 4.53
CA HIS A 242 -6.02 -20.94 3.96
C HIS A 242 -6.58 -22.36 3.87
N ALA A 243 -7.29 -22.80 4.91
CA ALA A 243 -7.88 -24.13 4.88
C ALA A 243 -8.88 -24.30 3.75
N TYR A 244 -9.78 -23.35 3.57
CA TYR A 244 -10.72 -23.38 2.44
C TYR A 244 -10.01 -23.38 1.11
N VAL A 245 -9.05 -22.48 0.92
CA VAL A 245 -8.38 -22.38 -0.37
C VAL A 245 -7.64 -23.69 -0.68
N ARG A 246 -6.92 -24.22 0.30
CA ARG A 246 -6.21 -25.48 0.09
C ARG A 246 -7.18 -26.63 -0.12
N ALA A 247 -8.34 -26.60 0.52
CA ALA A 247 -9.33 -27.65 0.29
C ALA A 247 -9.85 -27.62 -1.13
N LYS A 248 -10.06 -26.42 -1.68
CA LYS A 248 -10.73 -26.32 -2.98
C LYS A 248 -9.76 -26.24 -4.17
N LEU A 249 -8.47 -26.01 -3.94
CA LEU A 249 -7.50 -26.08 -5.03
C LEU A 249 -7.12 -27.50 -5.43
N MET A 250 -7.40 -28.50 -4.60
CA MET A 250 -7.26 -29.89 -5.03
C MET A 250 -8.18 -30.22 -6.19
N ASN A 251 -9.24 -29.43 -6.38
CA ASN A 251 -10.00 -29.52 -7.62
C ASN A 251 -9.22 -28.95 -8.79
N ALA A 252 -8.23 -28.10 -8.53
CA ALA A 252 -7.38 -27.52 -9.58
C ALA A 252 -6.07 -28.28 -9.77
N TYR A 253 -5.36 -28.60 -8.70
CA TYR A 253 -4.07 -29.28 -8.77
C TYR A 253 -4.11 -30.47 -7.82
N PRO A 254 -4.79 -31.55 -8.20
CA PRO A 254 -4.91 -32.70 -7.28
C PRO A 254 -3.67 -33.55 -7.17
N SER A 255 -2.76 -33.52 -8.15
CA SER A 255 -1.63 -34.44 -8.20
C SER A 255 -0.34 -33.82 -7.68
N TYR A 256 -0.41 -32.61 -7.12
CA TYR A 256 0.80 -31.97 -6.64
C TYR A 256 0.71 -31.49 -5.20
N ILE A 257 -0.44 -31.00 -4.77
CA ILE A 257 -0.58 -30.27 -3.52
C ILE A 257 -1.26 -31.17 -2.50
N SER A 258 -0.69 -31.25 -1.29
CA SER A 258 -1.32 -32.00 -0.21
C SER A 258 -2.37 -31.15 0.50
N PRO A 259 -3.50 -31.73 0.86
CA PRO A 259 -4.52 -30.97 1.61
C PRO A 259 -4.30 -30.97 3.11
N ILE A 260 -3.11 -31.36 3.55
CA ILE A 260 -2.68 -31.21 4.93
C ILE A 260 -1.59 -30.15 5.06
N GLY A 261 -0.68 -30.08 4.09
CA GLY A 261 0.41 -29.14 4.14
C GLY A 261 0.02 -27.74 3.73
N CYS A 262 0.88 -27.09 2.94
CA CYS A 262 0.69 -25.70 2.56
C CYS A 262 0.64 -25.57 1.04
N LEU A 263 0.67 -24.33 0.56
CA LEU A 263 0.50 -24.03 -0.85
C LEU A 263 1.84 -23.66 -1.49
N PRO A 264 2.05 -24.05 -2.75
CA PRO A 264 3.20 -23.55 -3.49
C PRO A 264 3.10 -22.06 -3.74
N ALA A 265 4.28 -21.43 -3.82
CA ALA A 265 4.34 -19.98 -3.96
C ALA A 265 3.89 -19.51 -5.33
N HIS A 266 4.11 -20.32 -6.37
CA HIS A 266 3.80 -19.92 -7.74
C HIS A 266 2.31 -19.95 -8.05
N LEU A 267 1.50 -20.45 -7.12
CA LEU A 267 0.05 -20.49 -7.28
C LEU A 267 -0.68 -19.48 -6.40
N LEU A 268 0.02 -18.45 -5.93
CA LEU A 268 -0.59 -17.47 -5.05
C LEU A 268 -1.16 -16.26 -5.79
N GLY A 269 -1.14 -16.26 -7.12
CA GLY A 269 -1.84 -15.24 -7.86
C GLY A 269 -0.98 -14.29 -8.65
N ASP A 270 0.29 -14.17 -8.30
CA ASP A 270 1.19 -13.25 -8.99
C ASP A 270 2.58 -13.88 -8.99
N MET A 271 3.57 -13.12 -9.48
CA MET A 271 4.95 -13.61 -9.46
C MET A 271 5.41 -13.94 -8.05
N TRP A 272 4.90 -13.21 -7.06
CA TRP A 272 5.23 -13.46 -5.67
C TRP A 272 4.03 -13.89 -4.83
N GLY A 273 2.94 -13.14 -4.83
CA GLY A 273 1.79 -13.45 -4.03
C GLY A 273 1.38 -12.38 -3.04
N ARG A 274 1.74 -11.11 -3.28
CA ARG A 274 1.26 -10.03 -2.43
C ARG A 274 -0.26 -9.92 -2.48
N PHE A 275 -0.79 -9.56 -3.65
CA PHE A 275 -2.24 -9.56 -3.88
C PHE A 275 -2.70 -10.97 -4.18
N TRP A 276 -3.91 -11.28 -3.75
CA TRP A 276 -4.57 -12.55 -4.08
C TRP A 276 -5.89 -12.35 -4.81
N THR A 277 -6.00 -11.27 -5.59
CA THR A 277 -7.20 -11.07 -6.40
C THR A 277 -7.35 -12.18 -7.43
N ASN A 278 -6.23 -12.69 -7.94
CA ASN A 278 -6.19 -13.57 -9.09
C ASN A 278 -6.80 -14.94 -8.84
N LEU A 279 -7.02 -15.32 -7.58
CA LEU A 279 -7.58 -16.62 -7.28
C LEU A 279 -9.10 -16.67 -7.37
N TYR A 280 -9.77 -15.52 -7.41
CA TYR A 280 -11.22 -15.50 -7.31
C TYR A 280 -11.86 -16.25 -8.47
N SER A 281 -11.40 -16.00 -9.70
CA SER A 281 -11.99 -16.63 -10.87
C SER A 281 -11.89 -18.15 -10.83
N LEU A 282 -10.97 -18.71 -10.06
CA LEU A 282 -10.92 -20.14 -9.83
C LEU A 282 -11.52 -20.55 -8.50
N THR A 283 -11.63 -19.64 -7.55
CA THR A 283 -12.13 -19.96 -6.21
C THR A 283 -13.45 -19.26 -5.95
N VAL A 284 -14.35 -19.27 -6.93
CA VAL A 284 -15.69 -18.72 -6.70
C VAL A 284 -16.42 -19.59 -5.69
N PRO A 285 -17.13 -19.01 -4.72
CA PRO A 285 -17.93 -19.83 -3.80
C PRO A 285 -19.09 -20.51 -4.50
N PHE A 286 -19.84 -19.73 -5.29
CA PHE A 286 -20.98 -20.23 -6.04
C PHE A 286 -20.81 -19.80 -7.49
N GLY A 287 -20.96 -20.76 -8.41
CA GLY A 287 -20.72 -20.48 -9.81
C GLY A 287 -21.97 -20.15 -10.60
N GLN A 288 -23.11 -20.74 -10.22
CA GLN A 288 -24.36 -20.51 -10.93
C GLN A 288 -24.94 -19.13 -10.68
N LYS A 289 -24.43 -18.40 -9.69
CA LYS A 289 -24.98 -17.08 -9.44
C LYS A 289 -24.37 -16.05 -10.38
N PRO A 290 -25.09 -14.96 -10.67
CA PRO A 290 -24.52 -13.88 -11.45
C PRO A 290 -23.76 -12.84 -10.63
N ASN A 291 -22.43 -12.84 -10.80
CA ASN A 291 -21.56 -11.95 -10.06
C ASN A 291 -21.91 -10.49 -10.38
N ILE A 292 -21.53 -9.60 -9.47
CA ILE A 292 -21.89 -8.19 -9.60
C ILE A 292 -20.96 -7.51 -10.59
N ASP A 293 -21.55 -6.75 -11.51
CA ASP A 293 -20.77 -5.96 -12.46
C ASP A 293 -21.70 -4.99 -13.18
N VAL A 294 -21.18 -3.79 -13.42
CA VAL A 294 -21.80 -2.82 -14.31
C VAL A 294 -21.02 -2.67 -15.61
N THR A 295 -19.93 -3.43 -15.77
CA THR A 295 -19.14 -3.36 -17.00
C THR A 295 -20.01 -3.56 -18.23
N ASP A 296 -21.04 -4.39 -18.11
CA ASP A 296 -22.06 -4.49 -19.15
C ASP A 296 -23.08 -3.37 -19.08
N ALA A 297 -22.98 -2.46 -18.11
CA ALA A 297 -23.98 -1.41 -17.93
C ALA A 297 -23.53 -0.04 -18.42
N MET A 298 -22.25 0.34 -18.26
CA MET A 298 -21.86 1.60 -18.87
C MET A 298 -21.70 1.53 -20.38
N VAL A 299 -21.40 0.36 -20.94
CA VAL A 299 -21.34 0.27 -22.40
C VAL A 299 -22.70 0.60 -23.02
N ASP A 300 -23.77 0.15 -22.37
CA ASP A 300 -25.12 0.40 -22.89
C ASP A 300 -25.60 1.82 -22.64
N GLN A 301 -25.12 2.48 -21.59
CA GLN A 301 -25.71 3.74 -21.16
C GLN A 301 -24.79 4.95 -21.36
N ALA A 302 -23.73 4.81 -22.15
CA ALA A 302 -22.90 5.93 -22.60
C ALA A 302 -22.30 6.72 -21.44
N TRP A 303 -21.54 6.01 -20.62
CA TRP A 303 -20.68 6.62 -19.61
C TRP A 303 -19.24 6.73 -20.11
N ASP A 304 -18.64 7.90 -19.85
CA ASP A 304 -17.24 8.13 -20.22
C ASP A 304 -16.41 8.47 -19.00
N ALA A 305 -15.14 8.81 -19.21
CA ALA A 305 -14.27 9.18 -18.10
C ALA A 305 -14.75 10.44 -17.40
N GLN A 306 -15.27 11.41 -18.15
CA GLN A 306 -15.85 12.60 -17.54
C GLN A 306 -17.01 12.27 -16.62
N ARG A 307 -17.96 11.47 -17.10
CA ARG A 307 -19.14 11.16 -16.31
C ARG A 307 -18.83 10.25 -15.13
N ILE A 308 -17.86 9.34 -15.28
CA ILE A 308 -17.48 8.50 -14.15
C ILE A 308 -16.98 9.34 -12.99
N PHE A 309 -16.09 10.30 -13.29
CA PHE A 309 -15.62 11.25 -12.30
C PHE A 309 -16.74 12.14 -11.76
N LYS A 310 -17.66 12.58 -12.62
CA LYS A 310 -18.75 13.43 -12.16
C LYS A 310 -19.66 12.71 -11.18
N GLU A 311 -19.98 11.44 -11.43
CA GLU A 311 -20.75 10.66 -10.47
C GLU A 311 -19.96 10.31 -9.22
N ALA A 312 -18.65 10.06 -9.33
CA ALA A 312 -17.84 9.88 -8.14
C ALA A 312 -17.78 11.13 -7.29
N GLU A 313 -17.87 12.31 -7.91
CA GLU A 313 -17.87 13.56 -7.14
C GLU A 313 -19.11 13.68 -6.26
N LYS A 314 -20.27 13.27 -6.77
CA LYS A 314 -21.51 13.32 -5.99
C LYS A 314 -21.42 12.48 -4.72
N PHE A 315 -20.65 11.39 -4.74
CA PHE A 315 -20.42 10.61 -3.53
C PHE A 315 -19.83 11.47 -2.42
N PHE A 316 -18.81 12.26 -2.74
CA PHE A 316 -18.17 13.12 -1.74
C PHE A 316 -19.01 14.34 -1.43
N VAL A 317 -19.79 14.83 -2.40
CA VAL A 317 -20.65 15.98 -2.14
C VAL A 317 -21.76 15.60 -1.16
N SER A 318 -22.29 14.38 -1.26
CA SER A 318 -23.36 13.95 -0.37
C SER A 318 -22.93 13.92 1.08
N VAL A 319 -21.70 13.49 1.38
CA VAL A 319 -21.23 13.42 2.76
C VAL A 319 -20.76 14.77 3.28
N GLY A 320 -20.88 15.83 2.50
CA GLY A 320 -20.54 17.17 2.95
C GLY A 320 -19.20 17.70 2.47
N LEU A 321 -18.35 16.86 1.88
CA LEU A 321 -17.05 17.31 1.43
C LEU A 321 -17.22 18.33 0.30
N PRO A 322 -16.38 19.37 0.28
CA PRO A 322 -16.56 20.47 -0.69
C PRO A 322 -16.25 20.03 -2.10
N ASN A 323 -16.78 20.80 -3.05
CA ASN A 323 -16.53 20.57 -4.47
C ASN A 323 -15.07 20.89 -4.81
N MET A 324 -14.55 20.17 -5.79
CA MET A 324 -13.15 20.32 -6.16
C MET A 324 -12.93 21.58 -7.00
N THR A 325 -11.66 21.92 -7.19
CA THR A 325 -11.28 23.14 -7.86
C THR A 325 -11.61 23.08 -9.35
N GLN A 326 -11.84 24.26 -9.92
CA GLN A 326 -12.05 24.36 -11.36
C GLN A 326 -10.80 23.91 -12.12
N GLY A 327 -9.61 24.29 -11.63
CA GLY A 327 -8.38 23.86 -12.27
C GLY A 327 -8.09 22.39 -12.15
N PHE A 328 -8.64 21.71 -11.14
CA PHE A 328 -8.44 20.27 -11.02
C PHE A 328 -8.89 19.55 -12.29
N TRP A 329 -10.03 19.93 -12.84
CA TRP A 329 -10.53 19.31 -14.05
C TRP A 329 -9.76 19.72 -15.30
N GLU A 330 -9.23 20.95 -15.33
CA GLU A 330 -8.50 21.42 -16.49
C GLU A 330 -7.01 21.10 -16.44
N ASN A 331 -6.53 20.46 -15.38
CA ASN A 331 -5.13 20.10 -15.27
C ASN A 331 -4.89 18.61 -15.06
N SER A 332 -5.90 17.88 -14.60
CA SER A 332 -5.75 16.45 -14.43
C SER A 332 -5.75 15.75 -15.79
N MET A 333 -5.13 14.57 -15.81
CA MET A 333 -5.05 13.76 -17.02
C MET A 333 -6.01 12.58 -16.84
N LEU A 334 -6.91 12.40 -17.80
CA LEU A 334 -7.99 11.43 -17.66
C LEU A 334 -7.93 10.30 -18.67
N THR A 335 -7.65 10.60 -19.94
CA THR A 335 -7.67 9.60 -21.00
C THR A 335 -6.35 9.65 -21.77
N ASP A 336 -5.86 8.47 -22.13
CA ASP A 336 -4.61 8.28 -22.86
C ASP A 336 -4.58 9.18 -24.10
N PRO A 337 -3.58 10.05 -24.24
CA PRO A 337 -3.52 10.95 -25.41
C PRO A 337 -3.04 10.25 -26.67
N GLY A 338 -3.69 9.14 -27.01
CA GLY A 338 -3.40 8.45 -28.24
C GLY A 338 -2.00 7.86 -28.29
N ASN A 339 -1.55 7.57 -29.51
CA ASN A 339 -0.22 7.04 -29.74
C ASN A 339 0.82 8.11 -30.02
N VAL A 340 0.39 9.33 -30.33
CA VAL A 340 1.34 10.41 -30.62
C VAL A 340 2.23 10.74 -29.44
N GLN A 341 1.79 10.47 -28.22
CA GLN A 341 2.58 10.82 -27.05
C GLN A 341 2.38 9.71 -26.01
N LYS A 342 3.49 9.19 -25.50
CA LYS A 342 3.46 7.99 -24.65
C LYS A 342 3.62 8.38 -23.19
N ALA A 343 2.60 8.07 -22.40
CA ALA A 343 2.55 8.47 -20.99
C ALA A 343 2.37 7.25 -20.11
N VAL A 344 3.27 7.09 -19.13
CA VAL A 344 3.09 6.07 -18.11
C VAL A 344 1.94 6.49 -17.22
N CYS A 345 0.84 5.75 -17.27
CA CYS A 345 -0.41 6.15 -16.63
C CYS A 345 -0.83 5.18 -15.52
N HIS A 346 0.11 4.82 -14.67
CA HIS A 346 -0.23 4.10 -13.45
C HIS A 346 -1.19 4.96 -12.62
N PRO A 347 -2.16 4.35 -11.95
CA PRO A 347 -3.13 5.16 -11.18
C PRO A 347 -2.46 5.86 -10.00
N THR A 348 -2.28 7.17 -10.11
CA THR A 348 -1.63 7.96 -9.08
C THR A 348 -2.40 9.26 -8.88
N ALA A 349 -2.48 9.70 -7.62
CA ALA A 349 -3.06 10.99 -7.29
C ALA A 349 -1.94 11.99 -7.03
N TRP A 350 -2.06 13.18 -7.59
CA TRP A 350 -0.99 14.17 -7.55
C TRP A 350 -1.48 15.42 -6.84
N ASP A 351 -0.76 15.82 -5.80
CA ASP A 351 -1.04 17.05 -5.05
C ASP A 351 0.13 17.97 -5.37
N LEU A 352 -0.08 18.85 -6.35
CA LEU A 352 0.97 19.76 -6.78
C LEU A 352 1.12 20.96 -5.84
N GLY A 353 0.12 21.22 -5.01
CA GLY A 353 0.17 22.34 -4.09
C GLY A 353 -0.27 23.64 -4.74
N LYS A 354 -0.30 24.69 -3.91
CA LYS A 354 -0.72 26.03 -4.34
C LYS A 354 -2.17 25.97 -4.87
N GLY A 355 -2.92 24.99 -4.34
CA GLY A 355 -4.27 24.79 -4.79
C GLY A 355 -4.41 24.02 -6.09
N ASP A 356 -3.32 23.48 -6.62
CA ASP A 356 -3.35 22.69 -7.84
C ASP A 356 -3.18 21.21 -7.47
N PHE A 357 -4.12 20.38 -7.91
CA PHE A 357 -4.12 18.94 -7.64
C PHE A 357 -4.63 18.23 -8.87
N ARG A 358 -3.96 17.14 -9.26
CA ARG A 358 -4.29 16.40 -10.46
C ARG A 358 -4.28 14.90 -10.15
N ILE A 359 -4.78 14.11 -11.11
CA ILE A 359 -4.84 12.67 -10.99
C ILE A 359 -4.46 12.05 -12.33
N LEU A 360 -3.72 10.95 -12.27
CA LEU A 360 -3.21 10.29 -13.48
C LEU A 360 -3.71 8.85 -13.51
N MET A 361 -4.42 8.50 -14.59
CA MET A 361 -4.79 7.13 -14.87
C MET A 361 -5.36 7.03 -16.28
N CYS A 362 -4.99 5.96 -16.98
CA CYS A 362 -5.56 5.65 -18.30
C CYS A 362 -6.94 5.08 -18.07
N THR A 363 -7.94 5.96 -18.00
CA THR A 363 -9.29 5.54 -17.67
C THR A 363 -9.90 4.70 -18.78
N LYS A 364 -10.62 3.65 -18.37
CA LYS A 364 -11.36 2.79 -19.27
C LYS A 364 -12.75 2.59 -18.70
N VAL A 365 -13.64 2.04 -19.51
CA VAL A 365 -15.04 1.81 -19.08
C VAL A 365 -15.07 0.41 -18.49
N THR A 366 -14.91 0.35 -17.17
CA THR A 366 -15.07 -0.88 -16.41
C THR A 366 -15.37 -0.51 -14.97
N MET A 367 -16.01 -1.44 -14.25
CA MET A 367 -16.34 -1.17 -12.85
C MET A 367 -15.08 -1.00 -12.01
N ASP A 368 -14.03 -1.78 -12.28
CA ASP A 368 -12.80 -1.65 -11.53
C ASP A 368 -12.17 -0.27 -11.70
N ASP A 369 -12.35 0.36 -12.85
CA ASP A 369 -11.92 1.74 -13.04
C ASP A 369 -12.81 2.73 -12.30
N PHE A 370 -14.07 2.37 -12.05
CA PHE A 370 -14.91 3.18 -11.17
C PHE A 370 -14.45 3.11 -9.73
N LEU A 371 -14.15 1.91 -9.24
CA LEU A 371 -13.59 1.78 -7.90
C LEU A 371 -12.24 2.47 -7.79
N THR A 372 -11.40 2.34 -8.81
CA THR A 372 -10.12 3.05 -8.81
C THR A 372 -10.32 4.56 -8.83
N ALA A 373 -11.29 5.04 -9.60
CA ALA A 373 -11.57 6.46 -9.62
C ALA A 373 -12.00 6.97 -8.26
N HIS A 374 -12.87 6.23 -7.57
CA HIS A 374 -13.25 6.61 -6.21
C HIS A 374 -12.07 6.55 -5.24
N HIS A 375 -11.24 5.50 -5.35
CA HIS A 375 -10.10 5.32 -4.46
C HIS A 375 -9.10 6.46 -4.59
N GLU A 376 -8.81 6.88 -5.82
CA GLU A 376 -7.88 7.98 -6.04
C GLU A 376 -8.55 9.35 -5.90
N MET A 377 -9.87 9.42 -5.96
CA MET A 377 -10.59 10.66 -5.70
C MET A 377 -10.63 10.99 -4.22
N GLY A 378 -10.76 9.97 -3.37
CA GLY A 378 -10.61 10.16 -1.94
C GLY A 378 -9.27 10.73 -1.54
N HIS A 379 -8.19 10.26 -2.19
CA HIS A 379 -6.87 10.85 -1.93
C HIS A 379 -6.88 12.34 -2.24
N ILE A 380 -7.45 12.73 -3.38
CA ILE A 380 -7.47 14.14 -3.76
C ILE A 380 -8.26 14.96 -2.76
N GLN A 381 -9.45 14.49 -2.38
CA GLN A 381 -10.22 15.20 -1.38
C GLN A 381 -9.51 15.30 -0.04
N TYR A 382 -8.85 14.23 0.39
CA TYR A 382 -8.13 14.23 1.66
C TYR A 382 -7.01 15.27 1.63
N ASP A 383 -6.23 15.28 0.54
CA ASP A 383 -5.17 16.28 0.40
C ASP A 383 -5.73 17.69 0.32
N MET A 384 -6.92 17.84 -0.25
CA MET A 384 -7.58 19.14 -0.25
C MET A 384 -7.87 19.64 1.16
N ALA A 385 -8.04 18.74 2.12
CA ALA A 385 -8.46 19.13 3.46
C ALA A 385 -7.41 19.95 4.19
N TYR A 386 -6.15 19.54 4.15
CA TYR A 386 -5.12 20.18 4.97
C TYR A 386 -4.30 21.21 4.19
N ALA A 387 -4.96 21.96 3.30
CA ALA A 387 -4.27 23.04 2.60
C ALA A 387 -3.72 24.08 3.57
N ALA A 388 -4.41 24.34 4.68
CA ALA A 388 -3.96 25.33 5.65
C ALA A 388 -2.76 24.88 6.45
N GLN A 389 -2.45 23.59 6.48
CA GLN A 389 -1.30 23.11 7.21
C GLN A 389 -0.02 23.56 6.53
N PRO A 390 1.05 23.80 7.30
CA PRO A 390 2.33 24.16 6.70
C PRO A 390 2.88 23.03 5.83
N PHE A 391 3.95 23.35 5.12
CA PHE A 391 4.43 22.48 4.06
C PHE A 391 5.03 21.19 4.60
N LEU A 392 5.46 21.18 5.86
CA LEU A 392 5.86 19.93 6.52
C LEU A 392 4.70 19.16 7.13
N LEU A 393 3.64 19.85 7.58
CA LEU A 393 2.47 19.17 8.12
C LEU A 393 1.51 18.74 7.02
N ARG A 394 1.83 19.05 5.77
CA ARG A 394 1.00 18.66 4.63
C ARG A 394 1.32 17.21 4.22
N ASN A 395 1.15 16.32 5.19
CA ASN A 395 1.36 14.89 4.98
C ASN A 395 0.60 14.15 6.08
N GLY A 396 0.34 12.86 5.85
CA GLY A 396 -0.38 12.06 6.80
C GLY A 396 0.36 11.92 8.12
N ALA A 397 -0.42 11.74 9.19
CA ALA A 397 0.16 11.55 10.51
C ALA A 397 1.05 10.32 10.55
N ASN A 398 0.60 9.21 9.96
CA ASN A 398 1.43 8.02 9.80
C ASN A 398 1.45 7.68 8.31
N GLU A 399 2.40 6.83 7.92
CA GLU A 399 2.58 6.53 6.51
C GLU A 399 1.43 5.70 5.95
N GLY A 400 0.86 4.81 6.76
CA GLY A 400 -0.23 3.98 6.30
C GLY A 400 -1.57 4.67 6.39
N PHE A 401 -1.54 5.97 6.72
CA PHE A 401 -2.75 6.75 6.89
C PHE A 401 -3.23 7.39 5.60
N HIS A 402 -2.33 7.65 4.65
CA HIS A 402 -2.73 8.31 3.40
C HIS A 402 -3.48 7.37 2.47
N GLU A 403 -3.02 6.12 2.37
CA GLU A 403 -3.73 5.13 1.58
C GLU A 403 -4.89 4.50 2.33
N ALA A 404 -5.07 4.85 3.61
CA ALA A 404 -6.18 4.35 4.40
C ALA A 404 -7.44 5.20 4.24
N VAL A 405 -7.29 6.51 4.05
CA VAL A 405 -8.45 7.36 3.81
C VAL A 405 -9.00 7.22 2.41
N GLY A 406 -8.27 6.56 1.51
CA GLY A 406 -8.66 6.54 0.12
C GLY A 406 -9.41 5.30 -0.32
N GLU A 407 -9.36 4.22 0.46
CA GLU A 407 -10.02 2.98 0.09
C GLU A 407 -11.42 2.84 0.67
N ILE A 408 -11.75 3.57 1.74
CA ILE A 408 -13.07 3.47 2.34
C ILE A 408 -14.16 3.97 1.42
N MET A 409 -13.91 5.01 0.62
CA MET A 409 -14.80 5.28 -0.51
C MET A 409 -14.97 4.08 -1.42
N SER A 410 -13.90 3.34 -1.70
CA SER A 410 -14.02 2.19 -2.58
C SER A 410 -14.87 1.08 -1.95
N LEU A 411 -14.79 0.92 -0.62
CA LEU A 411 -15.64 -0.05 0.05
C LEU A 411 -17.10 0.34 0.03
N SER A 412 -17.41 1.64 -0.01
CA SER A 412 -18.77 2.10 -0.18
C SER A 412 -19.16 2.26 -1.65
N ALA A 413 -18.19 2.18 -2.56
CA ALA A 413 -18.46 2.29 -3.99
C ALA A 413 -18.81 0.96 -4.62
N ALA A 414 -18.59 -0.15 -3.93
CA ALA A 414 -18.92 -1.47 -4.45
C ALA A 414 -20.20 -2.04 -3.87
N THR A 415 -20.87 -1.32 -2.98
CA THR A 415 -22.11 -1.82 -2.40
C THR A 415 -23.24 -1.76 -3.43
N PRO A 416 -24.01 -2.84 -3.58
CA PRO A 416 -25.14 -2.82 -4.52
C PRO A 416 -26.16 -1.75 -4.24
N LYS A 417 -26.36 -1.37 -2.98
CA LYS A 417 -27.20 -0.22 -2.66
C LYS A 417 -26.70 1.04 -3.33
N HIS A 418 -25.40 1.28 -3.30
CA HIS A 418 -24.81 2.45 -3.95
C HIS A 418 -25.08 2.46 -5.45
N LEU A 419 -24.92 1.33 -6.12
CA LEU A 419 -25.09 1.27 -7.57
C LEU A 419 -26.56 1.38 -7.99
N LYS A 420 -27.48 0.94 -7.15
CA LYS A 420 -28.90 1.03 -7.48
C LYS A 420 -29.44 2.44 -7.44
N SER A 421 -28.95 3.28 -6.51
CA SER A 421 -29.46 4.64 -6.39
C SER A 421 -29.01 5.53 -7.54
N ILE A 422 -27.92 5.16 -8.22
CA ILE A 422 -27.39 5.96 -9.31
C ILE A 422 -27.91 5.47 -10.66
N GLY A 423 -28.78 4.46 -10.67
CA GLY A 423 -29.40 4.00 -11.89
C GLY A 423 -28.55 3.09 -12.75
N LEU A 424 -27.36 2.70 -12.29
CA LEU A 424 -26.54 1.77 -13.06
C LEU A 424 -27.01 0.34 -12.87
N LEU A 425 -26.99 -0.13 -11.63
CA LEU A 425 -27.39 -1.50 -11.33
C LEU A 425 -28.91 -1.63 -11.49
N SER A 426 -29.34 -2.84 -11.84
CA SER A 426 -30.76 -3.11 -12.03
C SER A 426 -31.53 -2.84 -10.74
N PRO A 427 -32.66 -2.14 -10.83
CA PRO A 427 -33.43 -1.83 -9.61
C PRO A 427 -33.99 -3.06 -8.91
N ASP A 428 -34.07 -4.19 -9.60
CA ASP A 428 -34.69 -5.37 -9.02
C ASP A 428 -33.71 -6.55 -8.96
N PHE A 429 -32.45 -6.28 -8.68
CA PHE A 429 -31.47 -7.34 -8.44
C PHE A 429 -31.68 -7.92 -7.06
N GLN A 430 -31.96 -9.22 -7.00
CA GLN A 430 -32.13 -9.89 -5.72
C GLN A 430 -30.79 -10.06 -5.03
N GLU A 431 -30.74 -9.65 -3.76
CA GLU A 431 -29.56 -9.79 -2.93
C GLU A 431 -29.84 -10.86 -1.89
N ASP A 432 -29.07 -11.94 -1.91
CA ASP A 432 -29.31 -13.07 -1.04
C ASP A 432 -28.03 -13.40 -0.27
N ASN A 433 -28.08 -14.48 0.51
CA ASN A 433 -26.93 -14.88 1.31
C ASN A 433 -25.80 -15.41 0.43
N GLU A 434 -26.06 -15.64 -0.86
CA GLU A 434 -25.02 -16.10 -1.78
C GLU A 434 -24.33 -14.98 -2.53
N THR A 435 -24.90 -13.77 -2.54
CA THR A 435 -24.27 -12.64 -3.20
C THR A 435 -23.36 -11.85 -2.27
N GLU A 436 -23.88 -11.47 -1.10
CA GLU A 436 -23.07 -10.87 -0.07
C GLU A 436 -21.85 -11.71 0.26
N ILE A 437 -21.99 -13.02 0.30
CA ILE A 437 -20.90 -13.88 0.73
C ILE A 437 -19.80 -13.93 -0.33
N ASN A 438 -20.19 -13.94 -1.61
CA ASN A 438 -19.21 -13.88 -2.68
C ASN A 438 -18.53 -12.52 -2.75
N PHE A 439 -19.26 -11.44 -2.48
CA PHE A 439 -18.63 -10.13 -2.37
C PHE A 439 -17.60 -10.13 -1.24
N LEU A 440 -17.95 -10.74 -0.10
CA LEU A 440 -17.03 -10.82 1.02
C LEU A 440 -15.79 -11.64 0.67
N LEU A 441 -15.97 -12.74 -0.06
CA LEU A 441 -14.79 -13.49 -0.49
C LEU A 441 -13.93 -12.67 -1.43
N LYS A 442 -14.54 -11.95 -2.37
CA LYS A 442 -13.77 -11.12 -3.29
C LYS A 442 -12.96 -10.07 -2.56
N GLN A 443 -13.53 -9.46 -1.53
CA GLN A 443 -12.80 -8.41 -0.82
C GLN A 443 -11.79 -8.94 0.20
N ALA A 444 -12.18 -9.93 1.02
CA ALA A 444 -11.28 -10.48 2.02
C ALA A 444 -10.11 -11.22 1.39
N LEU A 445 -10.35 -11.95 0.30
CA LEU A 445 -9.28 -12.63 -0.40
C LEU A 445 -8.29 -11.63 -0.98
N THR A 446 -8.70 -10.36 -1.07
CA THR A 446 -7.87 -9.27 -1.56
C THR A 446 -7.30 -8.38 -0.46
N ILE A 447 -8.02 -8.17 0.64
CA ILE A 447 -7.62 -7.21 1.66
C ILE A 447 -7.05 -7.90 2.88
N VAL A 448 -7.38 -9.18 3.08
CA VAL A 448 -6.78 -9.92 4.19
C VAL A 448 -5.71 -10.87 3.67
N GLY A 449 -5.84 -11.32 2.42
CA GLY A 449 -4.81 -12.14 1.82
C GLY A 449 -3.49 -11.42 1.67
N THR A 450 -3.44 -10.13 1.98
CA THR A 450 -2.24 -9.31 1.88
C THR A 450 -1.64 -8.98 3.25
N LEU A 451 -2.44 -9.03 4.32
CA LEU A 451 -1.95 -8.58 5.62
C LEU A 451 -0.83 -9.45 6.18
N PRO A 452 -0.97 -10.77 6.31
CA PRO A 452 0.15 -11.56 6.81
C PRO A 452 1.37 -11.51 5.91
N PHE A 453 1.20 -11.37 4.60
CA PHE A 453 2.36 -11.22 3.73
C PHE A 453 3.10 -9.91 3.98
N THR A 454 2.38 -8.81 4.20
CA THR A 454 3.04 -7.57 4.56
C THR A 454 3.75 -7.70 5.92
N TYR A 455 3.08 -8.35 6.88
CA TYR A 455 3.65 -8.47 8.21
C TYR A 455 4.89 -9.34 8.23
N MET A 456 4.87 -10.49 7.55
CA MET A 456 6.03 -11.36 7.49
C MET A 456 7.21 -10.66 6.81
N LEU A 457 6.93 -9.94 5.73
CA LEU A 457 8.00 -9.22 5.03
C LEU A 457 8.64 -8.18 5.93
N GLU A 458 7.84 -7.32 6.56
CA GLU A 458 8.43 -6.30 7.42
C GLU A 458 9.11 -6.90 8.65
N LYS A 459 8.57 -8.00 9.17
CA LYS A 459 9.19 -8.71 10.27
C LYS A 459 10.57 -9.26 9.91
N TRP A 460 10.68 -9.86 8.72
CA TRP A 460 11.99 -10.29 8.24
C TRP A 460 12.95 -9.12 8.07
N ARG A 461 12.46 -8.01 7.49
CA ARG A 461 13.30 -6.83 7.38
C ARG A 461 13.81 -6.38 8.74
N TRP A 462 12.94 -6.46 9.76
CA TRP A 462 13.34 -5.99 11.07
C TRP A 462 14.31 -6.92 11.77
N MET A 463 14.15 -8.25 11.65
CA MET A 463 15.15 -9.13 12.26
C MET A 463 16.46 -9.22 11.48
N VAL A 464 16.47 -8.93 10.18
CA VAL A 464 17.75 -8.87 9.49
C VAL A 464 18.42 -7.52 9.69
N PHE A 465 17.65 -6.45 9.81
CA PHE A 465 18.21 -5.12 9.96
C PHE A 465 18.67 -4.83 11.37
N LYS A 466 18.09 -5.52 12.36
CA LYS A 466 18.64 -5.57 13.69
C LYS A 466 19.75 -6.60 13.83
N GLY A 467 19.89 -7.49 12.85
CA GLY A 467 20.94 -8.47 12.86
C GLY A 467 20.66 -9.72 13.65
N GLU A 468 19.40 -10.17 13.69
CA GLU A 468 19.07 -11.44 14.30
C GLU A 468 19.59 -12.64 13.52
N ILE A 469 20.01 -12.45 12.28
CA ILE A 469 20.41 -13.56 11.42
C ILE A 469 21.86 -13.42 11.01
N PRO A 470 22.61 -14.53 10.92
CA PRO A 470 23.90 -14.49 10.23
C PRO A 470 23.75 -14.67 8.73
N LYS A 471 24.86 -14.74 8.01
CA LYS A 471 24.81 -14.90 6.57
C LYS A 471 24.32 -16.26 6.14
N ASP A 472 24.71 -17.32 6.85
CA ASP A 472 24.51 -18.68 6.37
C ASP A 472 23.06 -19.16 6.41
N GLN A 473 22.16 -18.45 7.10
CA GLN A 473 20.73 -18.71 7.01
C GLN A 473 19.96 -17.45 6.67
N TRP A 474 20.45 -16.71 5.68
CA TRP A 474 19.81 -15.44 5.32
C TRP A 474 18.40 -15.66 4.78
N MET A 475 18.20 -16.68 3.95
CA MET A 475 16.88 -16.96 3.40
C MET A 475 16.25 -18.21 3.97
N LYS A 476 17.00 -19.06 4.65
CA LYS A 476 16.35 -20.20 5.30
C LYS A 476 15.31 -19.72 6.30
N LYS A 477 15.70 -18.79 7.18
CA LYS A 477 14.79 -18.18 8.13
C LYS A 477 13.87 -17.15 7.48
N TRP A 478 13.80 -17.15 6.16
CA TRP A 478 12.81 -16.42 5.38
C TRP A 478 11.67 -17.32 4.92
N TRP A 479 12.01 -18.44 4.31
CA TRP A 479 11.04 -19.49 4.02
C TRP A 479 10.47 -20.14 5.27
N GLU A 480 11.20 -20.13 6.40
CA GLU A 480 10.60 -20.62 7.64
C GLU A 480 9.43 -19.76 8.11
N MET A 481 9.58 -18.43 8.09
CA MET A 481 8.47 -17.52 8.40
C MET A 481 7.41 -17.41 7.32
N LYS A 482 7.73 -17.60 6.05
CA LYS A 482 6.60 -17.85 5.14
C LYS A 482 5.86 -19.11 5.53
N ARG A 483 6.58 -20.16 5.92
CA ARG A 483 5.95 -21.40 6.34
C ARG A 483 5.48 -21.30 7.79
N GLU A 484 5.73 -20.17 8.44
CA GLU A 484 5.25 -19.98 9.80
C GLU A 484 4.09 -18.99 9.89
N ILE A 485 4.13 -17.91 9.10
CA ILE A 485 3.14 -16.86 9.19
C ILE A 485 2.05 -17.06 8.15
N VAL A 486 2.43 -17.05 6.86
CA VAL A 486 1.46 -17.20 5.79
C VAL A 486 1.28 -18.64 5.35
N GLY A 487 2.16 -19.55 5.78
CA GLY A 487 2.04 -20.95 5.41
C GLY A 487 2.20 -21.20 3.92
N VAL A 488 3.38 -20.93 3.38
CA VAL A 488 3.68 -21.16 1.97
C VAL A 488 4.97 -21.96 1.88
N VAL A 489 4.91 -23.09 1.16
CA VAL A 489 6.08 -23.92 0.96
C VAL A 489 6.71 -23.62 -0.39
N GLU A 490 7.99 -23.93 -0.52
CA GLU A 490 8.67 -23.71 -1.79
C GLU A 490 8.55 -24.95 -2.67
N PRO A 491 8.21 -24.80 -3.94
CA PRO A 491 8.24 -25.94 -4.86
C PRO A 491 9.64 -26.52 -4.99
N VAL A 492 10.65 -25.67 -4.89
CA VAL A 492 12.04 -26.06 -5.01
C VAL A 492 12.83 -25.39 -3.89
N PRO A 493 13.75 -26.09 -3.23
CA PRO A 493 14.54 -25.44 -2.17
C PRO A 493 15.45 -24.36 -2.74
N HIS A 494 15.72 -23.37 -1.90
CA HIS A 494 16.61 -22.27 -2.26
C HIS A 494 17.79 -22.22 -1.30
N ASP A 495 19.00 -22.17 -1.85
CA ASP A 495 20.20 -22.03 -1.04
C ASP A 495 20.54 -20.55 -0.88
N GLU A 496 21.61 -20.25 -0.16
CA GLU A 496 21.96 -18.88 0.20
C GLU A 496 22.34 -18.01 -0.99
N THR A 497 22.60 -18.59 -2.15
CA THR A 497 23.19 -17.83 -3.26
C THR A 497 22.25 -16.76 -3.80
N TYR A 498 20.95 -17.03 -3.85
CA TYR A 498 20.02 -16.11 -4.49
C TYR A 498 19.70 -14.91 -3.60
N CYS A 499 18.63 -14.21 -3.96
CA CYS A 499 18.03 -13.21 -3.09
C CYS A 499 16.55 -13.12 -3.46
N ASP A 500 15.72 -13.89 -2.77
CA ASP A 500 14.31 -13.96 -3.13
C ASP A 500 13.52 -12.76 -2.60
N PRO A 501 13.75 -12.32 -1.35
CA PRO A 501 13.06 -11.12 -0.86
C PRO A 501 13.27 -9.88 -1.73
N ALA A 502 14.43 -9.75 -2.37
CA ALA A 502 14.73 -8.54 -3.13
C ALA A 502 13.94 -8.43 -4.43
N SER A 503 13.28 -9.51 -4.86
CA SER A 503 12.58 -9.49 -6.15
C SER A 503 11.43 -8.49 -6.18
N LEU A 504 10.81 -8.22 -5.04
CA LEU A 504 9.73 -7.24 -4.99
C LEU A 504 10.28 -5.84 -5.26
N PHE A 505 9.44 -5.02 -5.92
CA PHE A 505 9.87 -3.67 -6.26
C PHE A 505 10.12 -2.83 -5.02
N HIS A 506 9.26 -2.97 -4.00
CA HIS A 506 9.44 -2.22 -2.76
C HIS A 506 10.69 -2.61 -1.99
N VAL A 507 11.12 -3.86 -2.08
CA VAL A 507 12.39 -4.26 -1.50
C VAL A 507 13.56 -3.76 -2.34
N SER A 508 13.45 -3.89 -3.67
CA SER A 508 14.55 -3.51 -4.55
C SER A 508 14.83 -2.02 -4.45
N ASN A 509 13.79 -1.20 -4.49
CA ASN A 509 13.97 0.24 -4.31
C ASN A 509 13.88 0.66 -2.86
N ASP A 510 13.67 -0.30 -1.95
CA ASP A 510 13.78 -0.09 -0.51
C ASP A 510 12.81 0.97 0.01
N TYR A 511 11.52 0.67 -0.12
CA TYR A 511 10.47 1.46 0.50
C TYR A 511 10.02 0.81 1.80
N SER A 512 9.11 1.49 2.50
CA SER A 512 8.47 0.91 3.67
C SER A 512 7.19 0.18 3.27
N PHE A 513 6.99 -1.01 3.81
CA PHE A 513 5.88 -1.84 3.38
C PHE A 513 4.75 -1.98 4.40
N ILE A 514 5.05 -1.88 5.71
CA ILE A 514 4.01 -2.08 6.72
C ILE A 514 2.87 -1.09 6.61
N ARG A 515 3.01 -0.07 5.76
CA ARG A 515 1.89 0.77 5.37
C ARG A 515 0.78 -0.03 4.71
N TYR A 516 1.09 -1.19 4.14
CA TYR A 516 0.10 -2.03 3.48
C TYR A 516 -0.47 -3.10 4.40
N TYR A 517 -0.05 -3.14 5.66
CA TYR A 517 -0.72 -3.91 6.70
C TYR A 517 -1.50 -3.01 7.63
N THR A 518 -0.95 -1.83 7.94
CA THR A 518 -1.63 -0.91 8.84
C THR A 518 -2.72 -0.11 8.15
N ARG A 519 -2.63 0.12 6.84
CA ARG A 519 -3.70 0.81 6.13
C ARG A 519 -5.01 0.05 6.20
N THR A 520 -4.97 -1.27 6.02
CA THR A 520 -6.20 -2.05 6.10
C THR A 520 -6.81 -1.95 7.48
N LEU A 521 -6.00 -2.02 8.53
CA LEU A 521 -6.56 -1.96 9.88
C LEU A 521 -7.03 -0.57 10.25
N TYR A 522 -6.51 0.49 9.63
CA TYR A 522 -7.23 1.76 9.76
C TYR A 522 -8.53 1.76 8.97
N GLN A 523 -8.56 1.08 7.83
CA GLN A 523 -9.71 1.13 6.93
C GLN A 523 -10.98 0.67 7.61
N PHE A 524 -10.96 -0.48 8.28
CA PHE A 524 -12.15 -1.02 8.91
C PHE A 524 -12.54 -0.27 10.18
N GLN A 525 -11.56 0.20 10.95
CA GLN A 525 -11.89 1.09 12.08
C GLN A 525 -12.63 2.32 11.60
N PHE A 526 -12.10 3.01 10.58
CA PHE A 526 -12.77 4.19 10.05
C PHE A 526 -14.14 3.86 9.51
N GLN A 527 -14.25 2.77 8.73
CA GLN A 527 -15.55 2.43 8.14
C GLN A 527 -16.58 2.13 9.21
N GLU A 528 -16.23 1.31 10.21
CA GLU A 528 -17.16 1.01 11.28
C GLU A 528 -17.58 2.26 12.05
N ALA A 529 -16.62 3.06 12.50
CA ALA A 529 -16.99 4.26 13.25
C ALA A 529 -17.84 5.20 12.40
N LEU A 530 -17.47 5.40 11.15
CA LEU A 530 -18.19 6.28 10.24
C LEU A 530 -19.62 5.83 9.98
N CYS A 531 -19.85 4.55 9.69
CA CYS A 531 -21.20 4.14 9.34
C CYS A 531 -22.03 3.75 10.56
N GLN A 532 -21.43 3.68 11.75
CA GLN A 532 -22.22 3.79 12.96
C GLN A 532 -22.62 5.24 13.24
N ALA A 533 -21.72 6.19 13.02
CA ALA A 533 -22.09 7.60 13.13
C ALA A 533 -23.15 7.99 12.11
N ALA A 534 -23.21 7.26 10.99
CA ALA A 534 -24.27 7.44 10.01
C ALA A 534 -25.55 6.70 10.38
N LYS A 535 -25.53 5.95 11.49
CA LYS A 535 -26.71 5.24 11.99
C LYS A 535 -27.22 4.22 10.96
N HIS A 536 -26.37 3.27 10.65
CA HIS A 536 -26.72 2.13 9.82
C HIS A 536 -27.25 0.99 10.69
N GLU A 537 -28.33 0.36 10.23
CA GLU A 537 -28.94 -0.77 10.93
C GLU A 537 -28.69 -2.00 10.06
N GLY A 538 -27.80 -2.88 10.51
CA GLY A 538 -27.50 -4.08 9.79
C GLY A 538 -26.02 -4.39 9.79
N PRO A 539 -25.62 -5.43 9.06
CA PRO A 539 -24.21 -5.80 9.03
C PRO A 539 -23.37 -4.73 8.35
N LEU A 540 -22.12 -4.65 8.79
CA LEU A 540 -21.23 -3.55 8.41
C LEU A 540 -20.77 -3.64 6.95
N HIS A 541 -20.75 -4.84 6.38
CA HIS A 541 -20.15 -5.00 5.06
C HIS A 541 -20.92 -4.29 3.95
N LYS A 542 -22.16 -3.86 4.19
CA LYS A 542 -22.85 -3.09 3.17
C LYS A 542 -23.09 -1.62 3.55
N CYS A 543 -22.76 -1.19 4.77
CA CYS A 543 -23.22 0.15 5.15
C CYS A 543 -22.59 1.20 4.26
N ASP A 544 -23.39 2.22 3.95
CA ASP A 544 -23.00 3.25 2.99
C ASP A 544 -22.84 4.56 3.74
N ILE A 545 -22.00 5.43 3.19
CA ILE A 545 -21.69 6.71 3.83
C ILE A 545 -22.36 7.89 3.13
N SER A 546 -22.93 7.70 1.94
CA SER A 546 -23.52 8.81 1.22
C SER A 546 -24.82 9.27 1.88
N ASN A 547 -25.18 10.52 1.61
CA ASN A 547 -26.42 11.13 2.11
C ASN A 547 -26.47 11.12 3.63
N SER A 548 -25.34 11.42 4.26
CA SER A 548 -25.29 11.58 5.72
C SER A 548 -24.11 12.51 6.03
N THR A 549 -24.41 13.78 6.29
CA THR A 549 -23.37 14.77 6.53
C THR A 549 -22.78 14.66 7.93
N GLU A 550 -23.51 14.07 8.88
CA GLU A 550 -23.04 13.95 10.26
C GLU A 550 -21.78 13.11 10.38
N ALA A 551 -21.52 12.21 9.44
CA ALA A 551 -20.32 11.40 9.42
C ALA A 551 -19.20 12.05 8.61
N GLY A 552 -19.55 12.67 7.48
CA GLY A 552 -18.56 13.42 6.71
C GLY A 552 -17.93 14.56 7.47
N GLN A 553 -18.73 15.30 8.25
CA GLN A 553 -18.16 16.34 9.10
C GLN A 553 -17.25 15.78 10.19
N LYS A 554 -17.60 14.63 10.76
CA LYS A 554 -16.71 13.99 11.71
C LYS A 554 -15.40 13.60 11.07
N LEU A 555 -15.46 13.07 9.84
CA LEU A 555 -14.24 12.66 9.15
C LEU A 555 -13.38 13.85 8.76
N PHE A 556 -13.99 14.94 8.31
CA PHE A 556 -13.23 16.12 7.92
C PHE A 556 -12.49 16.74 9.10
N ASN A 557 -13.08 16.73 10.29
CA ASN A 557 -12.39 17.24 11.47
C ASN A 557 -11.15 16.42 11.80
N MET A 558 -11.03 15.22 11.25
CA MET A 558 -9.80 14.44 11.30
C MET A 558 -8.86 14.76 10.15
N LEU A 559 -9.38 14.80 8.92
CA LEU A 559 -8.53 15.05 7.76
C LEU A 559 -7.88 16.43 7.82
N ARG A 560 -8.50 17.39 8.51
CA ARG A 560 -7.97 18.74 8.52
C ARG A 560 -6.75 18.91 9.41
N LEU A 561 -6.41 17.91 10.23
CA LEU A 561 -5.21 18.03 11.07
C LEU A 561 -3.97 17.53 10.35
N GLY A 562 -4.06 16.37 9.70
CA GLY A 562 -2.90 15.84 9.00
C GLY A 562 -1.81 15.43 9.95
N LYS A 563 -0.62 16.00 9.76
CA LYS A 563 0.53 15.70 10.60
C LYS A 563 0.63 16.62 11.81
N SER A 564 -0.24 17.62 11.92
CA SER A 564 -0.18 18.55 13.04
C SER A 564 -0.48 17.87 14.38
N GLU A 565 -1.10 16.70 14.36
CA GLU A 565 -1.43 16.00 15.58
C GLU A 565 -0.86 14.59 15.55
N PRO A 566 -0.61 14.00 16.72
CA PRO A 566 -0.16 12.61 16.75
C PRO A 566 -1.21 11.67 16.19
N TRP A 567 -0.74 10.56 15.62
CA TRP A 567 -1.66 9.62 15.00
C TRP A 567 -2.57 8.94 16.02
N THR A 568 -2.13 8.79 17.26
CA THR A 568 -3.02 8.27 18.29
C THR A 568 -4.19 9.21 18.55
N LEU A 569 -3.94 10.51 18.70
CA LEU A 569 -5.03 11.48 18.82
C LEU A 569 -5.88 11.55 17.57
N ALA A 570 -5.29 11.44 16.38
CA ALA A 570 -6.08 11.41 15.16
C ALA A 570 -7.02 10.21 15.13
N LEU A 571 -6.54 9.04 15.56
CA LEU A 571 -7.42 7.88 15.70
C LEU A 571 -8.50 8.11 16.73
N GLU A 572 -8.15 8.79 17.84
CA GLU A 572 -9.13 9.06 18.89
C GLU A 572 -10.24 9.99 18.44
N ASN A 573 -9.93 11.03 17.66
CA ASN A 573 -10.96 12.01 17.31
C ASN A 573 -12.05 11.40 16.45
N VAL A 574 -11.80 10.24 15.83
CA VAL A 574 -12.80 9.57 15.01
C VAL A 574 -13.29 8.28 15.65
N VAL A 575 -12.41 7.30 15.83
CA VAL A 575 -12.79 6.01 16.38
C VAL A 575 -12.91 6.07 17.90
N GLY A 576 -12.16 6.96 18.53
CA GLY A 576 -12.18 7.10 19.97
C GLY A 576 -11.14 6.30 20.70
N ALA A 577 -10.28 5.57 20.00
CA ALA A 577 -9.28 4.73 20.62
C ALA A 577 -7.89 5.18 20.21
N LYS A 578 -7.02 5.40 21.19
CA LYS A 578 -5.61 5.61 20.90
C LYS A 578 -4.95 4.36 20.36
N ASN A 579 -5.55 3.19 20.57
CA ASN A 579 -5.03 1.94 20.09
C ASN A 579 -5.56 1.64 18.69
N MET A 580 -4.94 0.69 18.02
CA MET A 580 -5.31 0.24 16.69
C MET A 580 -5.87 -1.18 16.83
N ASN A 581 -7.06 -1.41 16.30
CA ASN A 581 -7.84 -2.57 16.67
C ASN A 581 -8.22 -3.43 15.47
N VAL A 582 -8.55 -4.68 15.77
CA VAL A 582 -8.95 -5.66 14.77
C VAL A 582 -10.43 -6.00 14.89
N ARG A 583 -11.08 -5.54 15.96
CA ARG A 583 -12.49 -5.81 16.18
C ARG A 583 -13.36 -5.35 15.00
N PRO A 584 -13.13 -4.16 14.42
CA PRO A 584 -13.86 -3.83 13.20
C PRO A 584 -13.63 -4.83 12.07
N LEU A 585 -12.41 -5.33 11.93
CA LEU A 585 -12.14 -6.37 10.94
C LEU A 585 -12.98 -7.62 11.20
N LEU A 586 -13.04 -8.09 12.44
CA LEU A 586 -13.82 -9.29 12.70
C LEU A 586 -15.31 -9.04 12.55
N ASN A 587 -15.81 -7.84 12.87
CA ASN A 587 -17.19 -7.52 12.51
C ASN A 587 -17.43 -7.53 11.00
N TYR A 588 -16.50 -6.97 10.22
CA TYR A 588 -16.71 -6.86 8.78
C TYR A 588 -16.74 -8.23 8.13
N PHE A 589 -15.88 -9.14 8.55
CA PHE A 589 -15.84 -10.48 7.98
C PHE A 589 -16.48 -11.56 8.86
N GLU A 590 -17.28 -11.17 9.85
CA GLU A 590 -17.98 -12.14 10.67
C GLU A 590 -18.91 -13.03 9.83
N PRO A 591 -19.73 -12.49 8.91
CA PRO A 591 -20.56 -13.37 8.08
C PRO A 591 -19.75 -14.36 7.24
N LEU A 592 -18.63 -13.95 6.65
CA LEU A 592 -17.76 -14.88 5.94
C LEU A 592 -17.13 -15.88 6.89
N PHE A 593 -16.69 -15.40 8.05
CA PHE A 593 -16.19 -16.27 9.11
C PHE A 593 -17.19 -17.39 9.40
N THR A 594 -18.47 -17.03 9.52
CA THR A 594 -19.51 -18.01 9.79
C THR A 594 -19.64 -19.02 8.66
N TRP A 595 -19.52 -18.58 7.41
CA TRP A 595 -19.59 -19.52 6.31
C TRP A 595 -18.45 -20.52 6.43
N LEU A 596 -17.25 -20.02 6.71
CA LEU A 596 -16.08 -20.89 6.76
C LEU A 596 -16.18 -21.92 7.88
N LYS A 597 -16.78 -21.54 9.02
CA LYS A 597 -16.85 -22.52 10.11
C LYS A 597 -17.57 -23.79 9.70
N ASP A 598 -18.78 -23.67 9.16
CA ASP A 598 -19.50 -24.89 8.76
C ASP A 598 -19.07 -25.40 7.39
N GLN A 599 -18.32 -24.60 6.63
CA GLN A 599 -17.74 -25.10 5.38
C GLN A 599 -16.47 -25.90 5.59
N ASN A 600 -15.77 -25.71 6.70
CA ASN A 600 -14.48 -26.35 6.90
C ASN A 600 -14.54 -27.39 8.00
N LYS A 601 -15.65 -28.13 8.08
CA LYS A 601 -15.81 -29.13 9.13
C LYS A 601 -14.89 -30.34 8.90
N ASN A 602 -14.59 -30.68 7.65
CA ASN A 602 -13.79 -31.86 7.35
C ASN A 602 -12.39 -31.52 6.86
N SER A 603 -12.10 -30.25 6.57
CA SER A 603 -10.78 -29.86 6.09
C SER A 603 -9.81 -29.82 7.26
N PHE A 604 -8.52 -29.63 6.97
CA PHE A 604 -7.48 -29.56 7.98
C PHE A 604 -7.26 -28.09 8.35
N VAL A 605 -7.85 -27.67 9.46
CA VAL A 605 -7.61 -26.33 9.99
C VAL A 605 -6.17 -26.29 10.51
N GLY A 606 -5.32 -25.55 9.83
CA GLY A 606 -3.93 -25.44 10.23
C GLY A 606 -2.98 -26.09 9.24
N TRP A 607 -1.70 -26.07 9.58
CA TRP A 607 -0.65 -26.61 8.73
C TRP A 607 0.47 -27.22 9.58
N SER A 608 1.24 -28.11 8.95
CA SER A 608 2.38 -28.78 9.57
C SER A 608 3.63 -28.48 8.75
N THR A 609 4.72 -28.13 9.45
CA THR A 609 5.91 -27.62 8.77
C THR A 609 6.72 -28.71 8.09
N ASP A 610 6.53 -29.97 8.48
CA ASP A 610 7.34 -31.05 7.94
C ASP A 610 7.08 -31.30 6.45
N TRP A 611 5.94 -30.84 5.93
CA TRP A 611 5.60 -31.10 4.54
C TRP A 611 6.41 -30.22 3.60
N SER A 612 6.81 -30.81 2.47
CA SER A 612 7.52 -30.12 1.41
C SER A 612 7.30 -30.89 0.12
N PRO A 613 7.01 -30.22 -0.99
CA PRO A 613 6.77 -30.96 -2.25
C PRO A 613 7.98 -31.74 -2.74
N TYR A 614 9.20 -31.33 -2.40
CA TYR A 614 10.40 -31.99 -2.88
C TYR A 614 10.97 -32.94 -1.83
N ALA A 615 10.26 -33.15 -0.72
CA ALA A 615 10.72 -34.02 0.36
C ALA A 615 10.55 -35.47 -0.09
N ASP A 616 11.47 -35.91 -0.95
CA ASP A 616 11.42 -37.24 -1.53
C ASP A 616 12.67 -38.04 -1.19
#